data_5EXG
#
_entry.id   5EXG
#
_cell.length_a   47.530
_cell.length_b   63.330
_cell.length_c   95.980
_cell.angle_alpha   90.000
_cell.angle_beta   90.000
_cell.angle_gamma   90.000
#
_symmetry.space_group_name_H-M   'P 2 21 21'
#
loop_
_entity.id
_entity.type
_entity.pdbx_description
1 polymer 'Ripening-associated protein'
2 non-polymer GLYCEROL
3 non-polymer 'BROMIDE ION'
4 water water
#
_entity_poly.entity_id   1
_entity_poly.type   'polypeptide(L)'
_entity_poly.pdbx_seq_one_letter_code
;MNGAIKVGAWGGNGGSAFDMGPAYRIISVKIFSGDVVDGVDVTFTYYGKTETRHYGGSGGTPHEIVLQEGEYLVGMAGEV
ANYHGAVVLGKLGFSTNKKAYGPFGNTGGTPFSLPIAAGKISGFFGRGGKFLDAIGVYLEPASGENLYFQ
;
_entity_poly.pdbx_strand_id   A,B
#
loop_
_chem_comp.id
_chem_comp.type
_chem_comp.name
_chem_comp.formula
BR non-polymer 'BROMIDE ION' 'Br -1'
GOL non-polymer GLYCEROL 'C3 H8 O3'
#
# COMPACT_ATOMS: atom_id res chain seq x y z
N MET A 1 11.51 -11.84 -6.42
CA MET A 1 12.83 -12.27 -6.99
C MET A 1 13.27 -11.30 -8.08
N ASN A 2 14.58 -11.34 -8.40
CA ASN A 2 15.17 -10.37 -9.29
C ASN A 2 14.82 -8.95 -8.88
N GLY A 3 14.73 -8.70 -7.58
CA GLY A 3 14.70 -7.34 -7.16
C GLY A 3 13.28 -6.78 -7.17
N ALA A 4 12.26 -7.62 -7.35
CA ALA A 4 10.91 -7.05 -7.48
C ALA A 4 10.36 -6.51 -6.15
N ILE A 5 9.50 -5.51 -6.23
CA ILE A 5 8.71 -5.02 -5.08
C ILE A 5 7.25 -5.15 -5.45
N LYS A 6 6.51 -6.00 -4.71
CA LYS A 6 5.09 -6.28 -5.00
C LYS A 6 4.30 -5.96 -3.75
N VAL A 7 3.32 -5.07 -3.87
CA VAL A 7 2.41 -4.69 -2.74
C VAL A 7 0.98 -5.10 -3.06
N GLY A 8 0.21 -5.50 -2.03
CA GLY A 8 -1.10 -6.12 -2.25
C GLY A 8 -0.94 -7.64 -2.14
N ALA A 9 -1.94 -8.40 -2.56
CA ALA A 9 -3.13 -7.94 -3.24
C ALA A 9 -4.18 -7.48 -2.20
N TRP A 10 -5.03 -6.56 -2.59
CA TRP A 10 -6.26 -6.19 -1.88
C TRP A 10 -7.44 -6.91 -2.54
N GLY A 11 -8.29 -7.50 -1.70
CA GLY A 11 -9.47 -8.22 -2.12
C GLY A 11 -9.60 -9.57 -1.42
N GLY A 12 -10.34 -10.48 -2.05
CA GLY A 12 -10.59 -11.78 -1.53
C GLY A 12 -9.72 -12.86 -2.06
N ASN A 13 -10.01 -14.08 -1.60
CA ASN A 13 -9.22 -15.29 -1.96
C ASN A 13 -9.84 -16.22 -2.99
N GLY A 14 -10.98 -15.87 -3.56
CA GLY A 14 -11.63 -16.65 -4.62
C GLY A 14 -10.99 -16.52 -6.00
N GLY A 15 -11.56 -17.19 -6.99
CA GLY A 15 -11.12 -16.99 -8.41
C GLY A 15 -9.76 -17.65 -8.62
N SER A 16 -9.03 -17.21 -9.63
CA SER A 16 -7.71 -17.79 -9.98
C SER A 16 -6.65 -16.71 -9.93
N ALA A 17 -5.51 -17.03 -9.33
CA ALA A 17 -4.37 -16.12 -9.28
C ALA A 17 -3.81 -15.80 -10.66
N PHE A 18 -3.54 -14.50 -10.90
CA PHE A 18 -2.82 -14.03 -12.07
C PHE A 18 -1.63 -13.17 -11.70
N ASP A 19 -0.61 -13.19 -12.57
CA ASP A 19 0.60 -12.35 -12.31
C ASP A 19 1.19 -11.96 -13.67
N MET A 20 0.97 -10.71 -14.08
N MET A 20 0.97 -10.73 -14.09
CA MET A 20 1.50 -10.15 -15.33
CA MET A 20 1.48 -10.26 -15.35
C MET A 20 3.01 -9.95 -15.33
C MET A 20 3.02 -10.14 -15.32
N GLY A 21 3.58 -9.93 -14.14
CA GLY A 21 4.97 -9.50 -14.00
C GLY A 21 5.13 -7.98 -14.26
N PRO A 22 6.38 -7.52 -14.27
CA PRO A 22 6.59 -6.06 -14.55
C PRO A 22 6.63 -5.74 -16.06
N ALA A 23 6.01 -4.65 -16.50
CA ALA A 23 6.09 -4.21 -17.96
C ALA A 23 7.19 -3.20 -18.22
N TYR A 24 7.61 -3.14 -19.50
CA TYR A 24 8.48 -2.05 -19.99
C TYR A 24 7.60 -0.78 -20.04
N ARG A 25 6.41 -0.90 -20.66
CA ARG A 25 5.47 0.18 -20.72
C ARG A 25 4.01 -0.37 -20.67
N ILE A 26 3.30 0.01 -19.61
CA ILE A 26 1.83 0.05 -19.61
C ILE A 26 1.35 1.16 -20.55
N ILE A 27 0.48 0.84 -21.49
CA ILE A 27 -0.04 1.76 -22.48
C ILE A 27 -1.43 2.26 -22.01
N SER A 28 -2.26 1.35 -21.50
CA SER A 28 -3.66 1.67 -21.12
C SER A 28 -4.21 0.59 -20.20
N VAL A 29 -5.17 0.96 -19.39
CA VAL A 29 -5.89 0.06 -18.46
C VAL A 29 -7.39 0.33 -18.78
N LYS A 30 -8.21 -0.72 -18.81
CA LYS A 30 -9.65 -0.56 -18.90
C LYS A 30 -10.21 -1.30 -17.67
N ILE A 31 -11.04 -0.64 -16.89
CA ILE A 31 -11.65 -1.20 -15.70
C ILE A 31 -13.12 -1.42 -16.00
N PHE A 32 -13.56 -2.69 -15.98
CA PHE A 32 -14.95 -3.04 -16.34
C PHE A 32 -15.75 -3.06 -15.05
N SER A 33 -16.83 -2.26 -14.93
CA SER A 33 -17.55 -2.21 -13.65
C SER A 33 -19.05 -1.96 -13.79
N GLY A 34 -19.79 -2.44 -12.78
CA GLY A 34 -21.23 -2.18 -12.56
C GLY A 34 -21.46 -1.96 -11.11
N ASP A 35 -22.16 -2.87 -10.44
CA ASP A 35 -22.25 -2.82 -8.99
C ASP A 35 -20.83 -2.94 -8.36
N VAL A 36 -19.99 -3.83 -8.96
CA VAL A 36 -18.61 -4.04 -8.43
C VAL A 36 -17.63 -3.95 -9.62
N VAL A 37 -16.35 -4.22 -9.38
CA VAL A 37 -15.37 -4.31 -10.45
C VAL A 37 -15.40 -5.73 -11.01
N ASP A 38 -15.87 -5.86 -12.25
CA ASP A 38 -15.93 -7.12 -12.95
C ASP A 38 -14.60 -7.65 -13.47
N GLY A 39 -13.75 -6.77 -13.96
CA GLY A 39 -12.44 -7.20 -14.48
C GLY A 39 -11.64 -6.03 -14.99
N VAL A 40 -10.50 -6.34 -15.58
CA VAL A 40 -9.58 -5.33 -16.10
C VAL A 40 -8.94 -5.89 -17.34
N ASP A 41 -8.75 -4.99 -18.32
CA ASP A 41 -7.79 -5.15 -19.39
C ASP A 41 -6.52 -4.32 -19.16
N VAL A 42 -5.37 -4.92 -19.41
CA VAL A 42 -4.10 -4.19 -19.37
C VAL A 42 -3.48 -4.35 -20.74
N THR A 43 -3.18 -3.24 -21.39
CA THR A 43 -2.48 -3.21 -22.63
C THR A 43 -1.06 -2.66 -22.38
N PHE A 44 -0.05 -3.42 -22.85
CA PHE A 44 1.30 -3.05 -22.58
C PHE A 44 2.18 -3.41 -23.77
N THR A 45 3.39 -2.84 -23.76
CA THR A 45 4.34 -3.04 -24.88
C THR A 45 5.57 -3.77 -24.40
N TYR A 46 6.14 -4.47 -25.39
CA TYR A 46 7.36 -5.24 -25.23
C TYR A 46 7.98 -5.54 -26.60
N TYR A 47 9.17 -4.97 -26.83
CA TYR A 47 9.86 -5.12 -28.10
C TYR A 47 9.01 -4.74 -29.32
N GLY A 48 8.27 -3.62 -29.19
CA GLY A 48 7.37 -3.14 -30.24
C GLY A 48 6.17 -4.05 -30.56
N LYS A 49 5.77 -4.93 -29.63
CA LYS A 49 4.52 -5.70 -29.77
C LYS A 49 3.58 -5.22 -28.65
N THR A 50 2.38 -4.80 -29.04
CA THR A 50 1.31 -4.34 -28.15
C THR A 50 0.44 -5.58 -27.89
N GLU A 51 0.27 -5.95 -26.61
CA GLU A 51 -0.61 -7.06 -26.20
C GLU A 51 -1.53 -6.64 -25.06
N THR A 52 -2.69 -7.30 -25.04
CA THR A 52 -3.76 -7.01 -24.07
C THR A 52 -4.05 -8.31 -23.31
N ARG A 53 -4.04 -8.23 -21.98
N ARG A 53 -4.01 -8.24 -21.98
CA ARG A 53 -4.47 -9.32 -21.14
CA ARG A 53 -4.45 -9.33 -21.13
C ARG A 53 -5.72 -8.90 -20.35
C ARG A 53 -5.74 -8.89 -20.40
N HIS A 54 -6.69 -9.81 -20.26
CA HIS A 54 -7.92 -9.57 -19.53
C HIS A 54 -7.94 -10.47 -18.30
N TYR A 55 -8.25 -9.89 -17.12
CA TYR A 55 -8.44 -10.61 -15.87
C TYR A 55 -9.84 -10.32 -15.35
N GLY A 56 -10.44 -11.33 -14.77
CA GLY A 56 -11.82 -11.27 -14.21
C GLY A 56 -12.85 -11.61 -15.27
N GLY A 57 -14.14 -11.27 -15.04
CA GLY A 57 -15.23 -11.74 -15.84
C GLY A 57 -15.59 -10.93 -17.03
N SER A 58 -16.75 -11.22 -17.62
CA SER A 58 -17.12 -10.56 -18.87
C SER A 58 -18.19 -9.43 -18.74
N GLY A 59 -18.63 -9.14 -17.50
CA GLY A 59 -19.65 -8.15 -17.22
C GLY A 59 -19.11 -6.74 -17.05
N GLY A 60 -20.03 -5.82 -16.84
CA GLY A 60 -19.69 -4.41 -16.60
C GLY A 60 -19.43 -3.51 -17.80
N THR A 61 -19.38 -2.21 -17.52
CA THR A 61 -19.14 -1.15 -18.51
C THR A 61 -17.63 -0.82 -18.49
N PRO A 62 -16.98 -0.56 -19.64
CA PRO A 62 -15.57 -0.22 -19.60
C PRO A 62 -15.31 1.23 -19.22
N HIS A 63 -14.24 1.45 -18.45
CA HIS A 63 -13.74 2.75 -18.03
C HIS A 63 -12.23 2.74 -18.30
N GLU A 64 -11.80 3.55 -19.24
CA GLU A 64 -10.45 3.50 -19.78
C GLU A 64 -9.51 4.56 -19.19
N ILE A 65 -8.21 4.25 -19.08
CA ILE A 65 -7.15 5.18 -18.75
C ILE A 65 -6.10 4.98 -19.85
N VAL A 66 -5.96 5.99 -20.74
CA VAL A 66 -4.96 5.94 -21.80
C VAL A 66 -3.78 6.85 -21.44
N LEU A 67 -2.63 6.25 -21.13
CA LEU A 67 -1.49 7.02 -20.59
C LEU A 67 -0.91 7.91 -21.69
N GLN A 68 -0.88 9.19 -21.43
CA GLN A 68 -0.29 10.17 -22.37
C GLN A 68 1.24 10.20 -22.27
N GLU A 69 1.87 10.90 -23.20
CA GLU A 69 3.33 11.07 -23.16
C GLU A 69 3.77 11.72 -21.85
N GLY A 70 4.69 11.08 -21.15
CA GLY A 70 5.12 11.61 -19.82
C GLY A 70 4.16 11.36 -18.64
N GLU A 71 3.13 10.55 -18.86
CA GLU A 71 2.11 10.24 -17.83
C GLU A 71 2.35 8.84 -17.29
N TYR A 72 2.39 8.68 -15.98
CA TYR A 72 2.60 7.40 -15.35
C TYR A 72 1.82 7.23 -14.06
N LEU A 73 1.63 5.97 -13.61
CA LEU A 73 0.65 5.65 -12.55
C LEU A 73 1.33 5.80 -11.17
N VAL A 74 0.79 6.70 -10.34
CA VAL A 74 1.34 7.06 -9.01
C VAL A 74 0.40 6.77 -7.81
N GLY A 75 -0.73 6.13 -8.07
CA GLY A 75 -1.62 5.76 -6.96
C GLY A 75 -2.68 4.78 -7.38
N MET A 76 -3.19 4.04 -6.42
CA MET A 76 -4.31 3.12 -6.62
C MET A 76 -5.13 3.09 -5.33
N ALA A 77 -6.47 2.99 -5.46
CA ALA A 77 -7.34 3.01 -4.28
C ALA A 77 -8.63 2.34 -4.61
N GLY A 78 -9.34 1.98 -3.57
CA GLY A 78 -10.65 1.29 -3.78
C GLY A 78 -11.29 0.84 -2.52
N GLU A 79 -12.26 -0.06 -2.67
CA GLU A 79 -12.96 -0.72 -1.59
C GLU A 79 -13.09 -2.21 -1.84
N VAL A 80 -12.84 -3.00 -0.81
CA VAL A 80 -13.06 -4.45 -0.84
C VAL A 80 -14.47 -4.66 -0.25
N ALA A 81 -15.32 -5.32 -1.04
CA ALA A 81 -16.74 -5.52 -0.72
C ALA A 81 -17.13 -6.98 -0.67
N ASN A 82 -18.18 -7.25 0.10
CA ASN A 82 -18.89 -8.53 0.05
C ASN A 82 -20.06 -8.41 -0.94
N TYR A 83 -20.05 -9.16 -2.03
CA TYR A 83 -21.07 -9.09 -3.06
C TYR A 83 -21.54 -10.50 -3.46
N HIS A 84 -22.82 -10.75 -3.27
CA HIS A 84 -23.42 -12.05 -3.68
C HIS A 84 -22.63 -13.16 -2.96
N GLY A 85 -22.07 -12.92 -1.77
CA GLY A 85 -21.28 -13.96 -1.13
C GLY A 85 -19.81 -14.09 -1.47
N ALA A 86 -19.32 -13.28 -2.40
CA ALA A 86 -17.87 -13.28 -2.73
C ALA A 86 -17.20 -11.99 -2.21
N VAL A 87 -15.93 -12.06 -1.81
CA VAL A 87 -15.19 -10.91 -1.35
C VAL A 87 -14.37 -10.43 -2.56
N VAL A 88 -14.75 -9.26 -3.08
CA VAL A 88 -14.22 -8.77 -4.36
C VAL A 88 -13.92 -7.29 -4.32
N LEU A 89 -13.35 -6.74 -5.38
CA LEU A 89 -13.20 -5.27 -5.44
C LEU A 89 -14.53 -4.64 -5.77
N GLY A 90 -15.04 -3.83 -4.85
CA GLY A 90 -16.27 -3.11 -5.12
C GLY A 90 -16.13 -1.80 -5.85
N LYS A 91 -14.96 -1.14 -5.64
CA LYS A 91 -14.55 0.03 -6.34
C LYS A 91 -13.05 0.00 -6.57
N LEU A 92 -12.59 0.55 -7.69
CA LEU A 92 -11.17 0.63 -8.03
C LEU A 92 -10.90 1.89 -8.84
N GLY A 93 -9.86 2.65 -8.45
CA GLY A 93 -9.41 3.86 -9.25
C GLY A 93 -7.92 3.99 -9.21
N PHE A 94 -7.38 4.86 -10.07
CA PHE A 94 -5.96 5.11 -10.15
C PHE A 94 -5.67 6.59 -10.26
N SER A 95 -4.52 7.01 -9.77
CA SER A 95 -4.01 8.36 -10.04
C SER A 95 -2.76 8.30 -10.89
N THR A 96 -2.57 9.28 -11.75
CA THR A 96 -1.28 9.55 -12.45
C THR A 96 -0.67 10.87 -11.96
N ASN A 97 0.54 11.16 -12.44
CA ASN A 97 1.13 12.47 -12.23
C ASN A 97 0.35 13.61 -12.86
N LYS A 98 -0.68 13.34 -13.64
CA LYS A 98 -1.49 14.37 -14.30
C LYS A 98 -2.94 14.47 -13.84
N LYS A 99 -3.57 13.37 -13.45
CA LYS A 99 -5.02 13.35 -13.27
C LYS A 99 -5.41 12.13 -12.31
N ALA A 100 -6.52 12.26 -11.59
CA ALA A 100 -7.22 11.09 -10.97
C ALA A 100 -8.26 10.49 -11.91
N TYR A 101 -8.43 9.16 -11.81
CA TYR A 101 -9.34 8.42 -12.69
C TYR A 101 -10.16 7.47 -11.77
N GLY A 102 -11.47 7.67 -11.77
CA GLY A 102 -12.36 6.89 -10.94
C GLY A 102 -12.46 7.42 -9.52
N PRO A 103 -12.82 6.56 -8.55
CA PRO A 103 -12.91 5.13 -8.70
C PRO A 103 -14.18 4.69 -9.44
N PHE A 104 -14.09 3.49 -9.96
CA PHE A 104 -15.15 2.86 -10.76
C PHE A 104 -15.70 1.69 -9.96
N GLY A 105 -17.03 1.51 -9.98
CA GLY A 105 -17.69 0.57 -9.07
C GLY A 105 -18.63 1.27 -8.09
N ASN A 106 -19.66 0.54 -7.68
CA ASN A 106 -20.72 1.13 -6.87
C ASN A 106 -20.98 0.46 -5.53
N THR A 107 -20.07 -0.38 -5.05
CA THR A 107 -20.29 -1.09 -3.75
C THR A 107 -19.16 -0.79 -2.78
N GLY A 108 -19.53 -0.24 -1.61
CA GLY A 108 -18.52 0.02 -0.58
C GLY A 108 -18.23 -1.15 0.33
N GLY A 109 -17.23 -0.99 1.19
CA GLY A 109 -16.83 -2.03 2.11
C GLY A 109 -15.69 -1.57 2.96
N THR A 110 -14.53 -2.18 2.81
CA THR A 110 -13.37 -1.79 3.57
C THR A 110 -12.45 -1.03 2.59
N PRO A 111 -12.18 0.24 2.84
CA PRO A 111 -11.31 0.98 1.93
C PRO A 111 -9.85 0.58 1.99
N PHE A 112 -9.15 0.80 0.87
CA PHE A 112 -7.71 0.73 0.80
C PHE A 112 -7.21 1.89 -0.08
N SER A 113 -5.95 2.23 0.09
CA SER A 113 -5.34 3.34 -0.65
C SER A 113 -3.81 3.14 -0.68
N LEU A 114 -3.23 3.45 -1.84
CA LEU A 114 -1.79 3.33 -2.08
C LEU A 114 -1.31 4.63 -2.75
N PRO A 115 -1.08 5.66 -1.96
CA PRO A 115 -0.35 6.82 -2.47
C PRO A 115 1.14 6.50 -2.67
N ILE A 116 1.69 6.78 -3.86
CA ILE A 116 3.11 6.48 -4.09
C ILE A 116 3.83 7.84 -4.09
N ALA A 117 4.53 8.11 -2.99
CA ALA A 117 5.28 9.38 -2.83
C ALA A 117 6.51 9.43 -3.70
N ALA A 118 7.12 8.28 -3.92
CA ALA A 118 8.22 8.16 -4.85
C ALA A 118 8.13 6.82 -5.50
N GLY A 119 8.16 6.84 -6.82
CA GLY A 119 7.98 5.59 -7.57
C GLY A 119 6.77 5.60 -8.48
N LYS A 120 6.56 4.47 -9.15
CA LYS A 120 5.43 4.28 -10.03
C LYS A 120 5.04 2.83 -10.09
N ILE A 121 3.80 2.57 -10.56
CA ILE A 121 3.35 1.24 -10.79
C ILE A 121 3.91 0.79 -12.14
N SER A 122 4.39 -0.43 -12.16
CA SER A 122 5.03 -1.06 -13.30
C SER A 122 4.43 -2.41 -13.77
N GLY A 123 3.39 -2.92 -13.10
CA GLY A 123 2.73 -4.13 -13.51
C GLY A 123 1.73 -4.54 -12.46
N PHE A 124 1.06 -5.65 -12.70
CA PHE A 124 -0.09 -6.06 -11.95
C PHE A 124 -0.06 -7.56 -11.59
N PHE A 125 -0.69 -7.86 -10.48
CA PHE A 125 -0.98 -9.25 -10.10
C PHE A 125 -2.33 -9.24 -9.38
N GLY A 126 -2.88 -10.42 -9.11
CA GLY A 126 -4.14 -10.44 -8.43
C GLY A 126 -4.91 -11.76 -8.54
N ARG A 127 -6.23 -11.72 -8.36
CA ARG A 127 -7.11 -12.86 -8.54
C ARG A 127 -8.36 -12.49 -9.33
N GLY A 128 -8.80 -13.32 -10.28
CA GLY A 128 -10.03 -13.05 -11.04
C GLY A 128 -10.88 -14.27 -11.25
N GLY A 129 -12.17 -14.08 -11.30
CA GLY A 129 -13.12 -15.15 -11.62
C GLY A 129 -14.27 -14.60 -12.39
N LYS A 130 -15.49 -14.64 -11.85
CA LYS A 130 -16.62 -13.94 -12.46
C LYS A 130 -16.43 -12.43 -12.29
N PHE A 131 -15.84 -12.03 -11.16
CA PHE A 131 -15.51 -10.60 -10.90
C PHE A 131 -14.02 -10.44 -10.63
N LEU A 132 -13.56 -9.22 -10.29
CA LEU A 132 -12.13 -9.06 -9.93
C LEU A 132 -11.97 -9.21 -8.40
N ASP A 133 -11.52 -10.40 -8.03
CA ASP A 133 -11.43 -10.81 -6.62
C ASP A 133 -10.38 -9.97 -5.89
N ALA A 134 -9.23 -9.76 -6.56
CA ALA A 134 -8.17 -9.02 -5.88
C ALA A 134 -7.24 -8.39 -6.88
N ILE A 135 -6.49 -7.34 -6.44
CA ILE A 135 -5.49 -6.67 -7.29
C ILE A 135 -4.31 -6.18 -6.46
N GLY A 136 -3.12 -6.33 -7.01
CA GLY A 136 -1.90 -5.81 -6.43
C GLY A 136 -0.98 -5.28 -7.51
N VAL A 137 0.13 -4.65 -7.12
CA VAL A 137 0.98 -3.93 -8.09
C VAL A 137 2.48 -4.18 -7.84
N TYR A 138 3.23 -4.17 -8.95
CA TYR A 138 4.67 -4.03 -8.93
C TYR A 138 5.00 -2.56 -8.88
N LEU A 139 6.12 -2.22 -8.23
CA LEU A 139 6.63 -0.84 -8.08
C LEU A 139 8.08 -0.71 -8.61
N GLU A 140 8.36 0.44 -9.18
CA GLU A 140 9.76 0.76 -9.54
C GLU A 140 9.97 2.27 -9.44
N PRO A 141 11.26 2.69 -9.51
CA PRO A 141 11.49 4.15 -9.38
C PRO A 141 10.91 4.97 -10.51
N ALA A 142 10.65 6.24 -10.22
CA ALA A 142 10.23 7.21 -11.25
C ALA A 142 11.19 8.41 -11.35
N ALA B 4 14.22 5.39 -2.90
CA ALA B 4 13.66 5.51 -4.26
C ALA B 4 12.19 5.01 -4.30
N ILE B 5 11.77 4.12 -3.38
CA ILE B 5 10.35 3.66 -3.39
C ILE B 5 9.69 4.04 -2.08
N LYS B 6 8.77 5.02 -2.11
CA LYS B 6 8.15 5.53 -0.86
C LYS B 6 6.64 5.45 -1.07
N VAL B 7 5.91 4.81 -0.14
CA VAL B 7 4.48 4.68 -0.22
C VAL B 7 3.88 5.25 1.06
N GLY B 8 2.65 5.78 0.94
CA GLY B 8 2.07 6.61 2.00
C GLY B 8 2.41 8.07 1.70
N ALA B 9 2.36 8.95 2.71
CA ALA B 9 1.99 8.62 4.10
C ALA B 9 0.46 8.53 4.22
N TRP B 10 0.00 7.76 5.19
CA TRP B 10 -1.41 7.72 5.57
C TRP B 10 -1.57 8.56 6.85
N GLY B 11 -2.59 9.43 6.90
CA GLY B 11 -2.83 10.27 8.10
C GLY B 11 -3.19 11.69 7.74
N GLY B 12 -2.97 12.61 8.68
CA GLY B 12 -3.34 14.01 8.45
C GLY B 12 -2.23 14.92 8.01
N ASN B 13 -2.59 16.20 7.84
CA ASN B 13 -1.65 17.26 7.38
C ASN B 13 -1.01 18.13 8.46
N GLY B 14 -1.34 17.88 9.73
CA GLY B 14 -0.84 18.61 10.85
C GLY B 14 0.59 18.19 11.24
N GLY B 15 1.12 18.84 12.28
CA GLY B 15 2.39 18.48 12.81
C GLY B 15 3.53 18.89 11.88
N SER B 16 4.69 18.30 12.08
CA SER B 16 5.89 18.65 11.29
C SER B 16 6.39 17.44 10.56
N ALA B 17 6.92 17.63 9.36
CA ALA B 17 7.50 16.52 8.61
C ALA B 17 8.71 15.85 9.24
N PHE B 18 8.75 14.51 9.15
CA PHE B 18 9.94 13.75 9.38
C PHE B 18 10.24 12.82 8.22
N ASP B 19 11.53 12.40 8.16
CA ASP B 19 12.00 11.51 7.10
C ASP B 19 13.25 10.78 7.55
N MET B 20 13.10 9.52 7.89
CA MET B 20 14.21 8.69 8.31
C MET B 20 15.21 8.33 7.19
N GLY B 21 14.70 8.15 5.95
CA GLY B 21 15.42 7.41 4.92
C GLY B 21 15.47 5.90 5.22
N PRO B 22 15.96 5.10 4.28
CA PRO B 22 16.10 3.67 4.44
C PRO B 22 17.29 3.28 5.35
N ALA B 23 17.09 2.23 6.15
CA ALA B 23 18.15 1.67 6.96
C ALA B 23 18.82 0.48 6.23
N TYR B 24 20.01 0.09 6.68
CA TYR B 24 20.66 -1.12 6.24
C TYR B 24 19.95 -2.35 6.86
N ARG B 25 19.62 -2.24 8.14
CA ARG B 25 18.87 -3.26 8.86
C ARG B 25 18.05 -2.58 9.96
N ILE B 26 16.75 -2.89 10.05
CA ILE B 26 15.95 -2.46 11.21
C ILE B 26 16.16 -3.50 12.33
N ILE B 27 16.55 -3.02 13.53
CA ILE B 27 16.74 -3.85 14.71
C ILE B 27 15.42 -4.02 15.48
N SER B 28 14.73 -2.92 15.69
CA SER B 28 13.43 -2.91 16.38
C SER B 28 12.59 -1.71 16.09
N VAL B 29 11.28 -1.80 16.32
CA VAL B 29 10.39 -0.62 16.30
C VAL B 29 9.59 -0.66 17.57
N LYS B 30 9.43 0.47 18.25
CA LYS B 30 8.52 0.58 19.41
C LYS B 30 7.36 1.51 19.03
N ILE B 31 6.11 1.07 19.26
CA ILE B 31 4.94 1.85 18.94
C ILE B 31 4.44 2.32 20.30
N PHE B 32 4.39 3.65 20.50
CA PHE B 32 3.81 4.31 21.67
C PHE B 32 2.30 4.54 21.43
N SER B 33 1.44 4.02 22.32
CA SER B 33 0.01 4.21 22.13
C SER B 33 -0.81 4.30 23.41
N GLY B 34 -1.94 4.99 23.37
CA GLY B 34 -2.95 4.90 24.44
C GLY B 34 -4.29 4.88 23.75
N ASP B 35 -4.98 6.03 23.71
CA ASP B 35 -6.20 6.21 22.89
C ASP B 35 -5.90 6.17 21.36
N VAL B 36 -4.77 6.78 21.00
CA VAL B 36 -4.24 6.81 19.61
C VAL B 36 -2.78 6.35 19.58
N VAL B 37 -2.17 6.44 18.40
CA VAL B 37 -0.72 6.25 18.25
C VAL B 37 0.01 7.58 18.54
N ASP B 38 0.73 7.62 19.66
CA ASP B 38 1.46 8.82 20.03
C ASP B 38 2.74 9.01 19.24
N GLY B 39 3.42 7.90 18.90
CA GLY B 39 4.63 8.03 18.13
C GLY B 39 5.35 6.68 17.98
N VAL B 40 6.54 6.70 17.37
CA VAL B 40 7.30 5.50 17.19
C VAL B 40 8.80 5.73 17.47
N ASP B 41 9.46 4.72 18.03
CA ASP B 41 10.99 4.65 17.99
C ASP B 41 11.38 3.63 16.94
N VAL B 42 12.46 3.90 16.22
CA VAL B 42 13.02 2.96 15.27
C VAL B 42 14.53 2.87 15.60
N THR B 43 15.01 1.66 15.81
CA THR B 43 16.39 1.40 16.10
C THR B 43 16.94 0.62 14.90
N PHE B 44 18.10 1.04 14.36
CA PHE B 44 18.53 0.51 13.08
C PHE B 44 20.03 0.69 12.81
N THR B 45 20.54 -0.09 11.87
N THR B 45 20.58 -0.08 11.89
CA THR B 45 21.91 0.03 11.37
CA THR B 45 21.97 0.15 11.45
C THR B 45 21.93 1.05 10.21
C THR B 45 21.99 0.96 10.19
N TYR B 46 22.98 1.85 10.06
CA TYR B 46 22.96 2.92 9.04
C TYR B 46 24.46 3.28 8.76
N TYR B 47 25.00 2.87 7.62
CA TYR B 47 26.34 3.39 7.21
C TYR B 47 27.42 3.21 8.29
N GLY B 48 27.35 2.05 8.96
CA GLY B 48 28.35 1.66 9.94
C GLY B 48 28.01 1.99 11.40
N LYS B 49 26.93 2.77 11.62
CA LYS B 49 26.51 3.19 12.94
C LYS B 49 25.24 2.45 13.34
N THR B 50 24.94 2.44 14.65
CA THR B 50 23.65 1.94 15.14
C THR B 50 22.95 3.16 15.76
N GLU B 51 21.72 3.47 15.31
CA GLU B 51 21.01 4.72 15.68
C GLU B 51 19.56 4.40 16.17
N THR B 52 19.05 5.23 17.06
CA THR B 52 17.62 5.23 17.44
C THR B 52 17.05 6.59 17.10
N ARG B 53 15.91 6.63 16.43
CA ARG B 53 15.25 7.88 16.15
C ARG B 53 13.81 7.76 16.74
N HIS B 54 13.27 8.91 17.17
CA HIS B 54 11.90 9.03 17.70
C HIS B 54 11.10 9.99 16.90
N TYR B 55 9.90 9.56 16.47
CA TYR B 55 9.00 10.35 15.60
C TYR B 55 7.68 10.48 16.31
N GLY B 56 7.06 11.67 16.28
CA GLY B 56 5.84 11.94 17.02
C GLY B 56 6.07 12.21 18.49
N GLY B 57 5.01 12.09 19.28
CA GLY B 57 5.10 12.33 20.74
C GLY B 57 5.51 11.06 21.50
N SER B 58 5.64 11.18 22.82
CA SER B 58 6.06 10.04 23.65
C SER B 58 5.10 9.62 24.74
N GLY B 59 3.87 10.10 24.69
CA GLY B 59 2.87 9.67 25.64
C GLY B 59 2.47 8.23 25.36
N GLY B 60 1.55 7.73 26.15
CA GLY B 60 1.10 6.37 25.99
C GLY B 60 2.11 5.35 26.48
N THR B 61 1.91 4.12 26.10
CA THR B 61 2.80 3.03 26.49
C THR B 61 3.62 2.52 25.29
N PRO B 62 4.92 2.32 25.49
CA PRO B 62 5.72 1.69 24.43
C PRO B 62 5.54 0.19 24.27
N HIS B 63 5.54 -0.26 23.02
CA HIS B 63 5.35 -1.67 22.63
C HIS B 63 6.47 -2.02 21.62
N GLU B 64 7.47 -2.78 22.09
CA GLU B 64 8.70 -3.03 21.30
C GLU B 64 8.62 -4.37 20.54
N ILE B 65 8.85 -4.32 19.23
CA ILE B 65 8.98 -5.46 18.37
C ILE B 65 10.46 -5.52 17.98
N VAL B 66 11.19 -6.53 18.52
CA VAL B 66 12.61 -6.72 18.15
C VAL B 66 12.66 -7.80 17.04
N LEU B 67 13.32 -7.49 15.92
CA LEU B 67 13.35 -8.42 14.80
C LEU B 67 14.46 -9.44 15.02
N GLN B 68 14.13 -10.72 14.96
CA GLN B 68 15.20 -11.74 15.09
C GLN B 68 15.93 -11.98 13.79
N GLU B 69 16.99 -12.79 13.87
CA GLU B 69 17.77 -13.21 12.69
C GLU B 69 16.83 -13.78 11.67
N GLY B 70 16.95 -13.34 10.42
CA GLY B 70 16.03 -13.81 9.35
C GLY B 70 14.58 -13.29 9.39
N GLU B 71 14.30 -12.29 10.26
CA GLU B 71 12.96 -11.72 10.38
C GLU B 71 12.95 -10.30 9.88
N TYR B 72 11.91 -9.96 9.14
CA TYR B 72 11.80 -8.64 8.57
C TYR B 72 10.35 -8.20 8.44
N LEU B 73 10.17 -6.89 8.26
CA LEU B 73 8.82 -6.25 8.18
C LEU B 73 8.19 -6.38 6.83
N VAL B 74 7.06 -7.09 6.75
CA VAL B 74 6.37 -7.34 5.48
C VAL B 74 4.91 -6.86 5.40
N GLY B 75 4.51 -6.04 6.34
CA GLY B 75 3.22 -5.46 6.30
C GLY B 75 3.05 -4.37 7.31
N MET B 76 2.23 -3.38 6.97
CA MET B 76 1.79 -2.32 7.91
C MET B 76 0.34 -1.99 7.66
N ALA B 77 -0.42 -1.77 8.72
CA ALA B 77 -1.86 -1.42 8.58
C ALA B 77 -2.32 -0.52 9.74
N GLY B 78 -3.50 0.10 9.60
CA GLY B 78 -3.97 0.96 10.65
C GLY B 78 -5.25 1.67 10.30
N GLU B 79 -5.58 2.68 11.10
CA GLU B 79 -6.80 3.49 10.86
C GLU B 79 -6.45 4.96 11.11
N VAL B 80 -6.95 5.83 10.26
CA VAL B 80 -6.75 7.27 10.40
C VAL B 80 -7.99 7.84 11.08
N ALA B 81 -7.77 8.58 12.18
CA ALA B 81 -8.86 8.95 13.10
C ALA B 81 -8.83 10.44 13.38
N ASN B 82 -9.97 11.00 13.79
CA ASN B 82 -9.98 12.33 14.38
C ASN B 82 -9.96 12.21 15.88
N TYR B 83 -8.93 12.77 16.53
CA TYR B 83 -8.80 12.72 17.96
C TYR B 83 -8.67 14.12 18.49
N HIS B 84 -9.74 14.61 19.12
CA HIS B 84 -9.69 15.98 19.71
C HIS B 84 -9.30 17.08 18.68
N GLY B 85 -9.72 16.87 17.44
CA GLY B 85 -9.42 17.81 16.35
C GLY B 85 -8.12 17.62 15.57
N ALA B 86 -7.38 16.57 15.86
CA ALA B 86 -6.13 16.23 15.16
C ALA B 86 -6.39 14.93 14.37
N VAL B 87 -6.04 14.99 13.10
CA VAL B 87 -6.22 13.85 12.15
C VAL B 87 -4.92 13.01 12.22
N VAL B 88 -5.01 11.85 12.88
CA VAL B 88 -3.78 11.11 13.32
C VAL B 88 -3.98 9.64 13.09
N LEU B 89 -2.92 8.85 13.35
CA LEU B 89 -3.10 7.41 13.44
C LEU B 89 -3.83 7.04 14.71
N GLY B 90 -5.06 6.57 14.56
CA GLY B 90 -5.81 6.08 15.69
C GLY B 90 -5.41 4.66 16.10
N LYS B 91 -4.93 3.86 15.12
CA LYS B 91 -4.47 2.47 15.35
C LYS B 91 -3.34 2.22 14.35
N LEU B 92 -2.38 1.37 14.72
CA LEU B 92 -1.30 0.97 13.85
C LEU B 92 -0.87 -0.47 14.18
N GLY B 93 -0.50 -1.23 13.18
CA GLY B 93 0.08 -2.55 13.40
C GLY B 93 1.08 -2.91 12.30
N PHE B 94 1.83 -3.98 12.55
CA PHE B 94 2.91 -4.45 11.65
C PHE B 94 2.87 -5.98 11.58
N SER B 95 3.26 -6.49 10.42
CA SER B 95 3.49 -7.93 10.23
C SER B 95 4.95 -8.19 9.89
N THR B 96 5.49 -9.23 10.51
CA THR B 96 6.80 -9.76 10.09
C THR B 96 6.53 -11.04 9.27
N ASN B 97 7.58 -11.57 8.70
CA ASN B 97 7.50 -12.87 8.06
C ASN B 97 7.21 -14.06 8.98
N LYS B 98 7.29 -13.85 10.27
CA LYS B 98 6.96 -14.84 11.32
C LYS B 98 5.57 -14.64 11.90
N LYS B 99 5.17 -13.41 12.26
CA LYS B 99 3.89 -13.17 13.01
C LYS B 99 3.37 -11.76 12.71
N ALA B 100 2.06 -11.56 12.94
CA ALA B 100 1.45 -10.22 12.88
C ALA B 100 1.25 -9.68 14.30
N TYR B 101 1.48 -8.35 14.47
CA TYR B 101 1.39 -7.65 15.74
C TYR B 101 0.42 -6.47 15.64
N GLY B 102 -0.19 -6.15 16.77
CA GLY B 102 -1.10 -5.03 16.83
C GLY B 102 -2.56 -5.49 16.83
N PRO B 103 -3.47 -4.55 16.82
CA PRO B 103 -3.24 -3.08 16.70
C PRO B 103 -2.79 -2.47 18.03
N PHE B 104 -2.03 -1.39 17.89
CA PHE B 104 -1.66 -0.50 18.96
C PHE B 104 -2.46 0.79 18.77
N GLY B 105 -3.18 1.15 19.82
CA GLY B 105 -4.16 2.32 19.75
C GLY B 105 -5.59 1.79 19.77
N ASN B 106 -6.53 2.69 20.02
CA ASN B 106 -7.94 2.35 20.31
C ASN B 106 -8.96 3.17 19.55
N THR B 107 -8.54 4.06 18.65
CA THR B 107 -9.52 4.98 18.03
C THR B 107 -9.74 4.61 16.56
N GLY B 108 -10.98 4.26 16.23
CA GLY B 108 -11.32 3.92 14.84
C GLY B 108 -11.48 5.12 13.91
N GLY B 109 -11.39 4.81 12.62
CA GLY B 109 -11.56 5.79 11.57
C GLY B 109 -11.33 5.05 10.30
N THR B 110 -10.68 5.67 9.32
CA THR B 110 -10.59 5.11 7.98
C THR B 110 -9.45 4.11 7.87
N PRO B 111 -9.77 2.85 7.54
CA PRO B 111 -8.68 1.86 7.47
C PRO B 111 -7.74 2.04 6.26
N PHE B 112 -6.51 1.64 6.46
CA PHE B 112 -5.53 1.43 5.37
C PHE B 112 -4.76 0.12 5.66
N SER B 113 -4.20 -0.44 4.59
CA SER B 113 -3.44 -1.70 4.74
C SER B 113 -2.36 -1.81 3.66
N LEU B 114 -1.19 -2.31 4.06
CA LEU B 114 -0.09 -2.45 3.09
C LEU B 114 0.52 -3.82 3.26
N PRO B 115 -0.06 -4.83 2.57
CA PRO B 115 0.58 -6.14 2.53
C PRO B 115 1.76 -6.08 1.50
N ILE B 116 2.90 -6.62 1.87
CA ILE B 116 4.10 -6.65 0.98
C ILE B 116 4.34 -8.08 0.54
N ALA B 117 3.95 -8.36 -0.69
CA ALA B 117 4.05 -9.73 -1.22
C ALA B 117 5.51 -10.09 -1.61
N ALA B 118 6.28 -9.11 -2.00
CA ALA B 118 7.72 -9.25 -2.29
C ALA B 118 8.42 -7.97 -1.88
N GLY B 119 9.43 -8.14 -1.03
CA GLY B 119 10.22 -7.02 -0.48
C GLY B 119 9.95 -6.84 0.99
N LYS B 120 10.41 -5.69 1.47
CA LYS B 120 10.39 -5.36 2.93
C LYS B 120 10.35 -3.87 3.17
N ILE B 121 9.91 -3.51 4.39
CA ILE B 121 9.98 -2.13 4.89
C ILE B 121 11.40 -1.88 5.41
N SER B 122 12.04 -0.84 4.89
CA SER B 122 13.43 -0.44 5.31
C SER B 122 13.51 0.87 6.07
N GLY B 123 12.42 1.62 6.13
CA GLY B 123 12.40 2.85 6.92
C GLY B 123 11.08 3.60 6.81
N PHE B 124 11.00 4.78 7.40
CA PHE B 124 9.78 5.54 7.62
C PHE B 124 9.88 7.01 7.25
N PHE B 125 8.73 7.60 6.93
CA PHE B 125 8.62 9.07 6.83
C PHE B 125 7.18 9.42 7.25
N GLY B 126 6.89 10.70 7.46
CA GLY B 126 5.54 11.10 7.84
C GLY B 126 5.54 12.45 8.50
N ARG B 127 4.59 12.66 9.40
CA ARG B 127 4.41 13.91 10.15
C ARG B 127 4.10 13.57 11.62
N GLY B 128 4.62 14.39 12.52
CA GLY B 128 4.44 14.21 13.98
C GLY B 128 4.29 15.54 14.73
N GLY B 129 3.60 15.47 15.86
CA GLY B 129 3.44 16.62 16.79
C GLY B 129 3.35 16.10 18.18
N LYS B 130 2.22 16.30 18.83
CA LYS B 130 1.97 15.63 20.10
C LYS B 130 1.75 14.15 19.83
N PHE B 131 1.16 13.84 18.67
CA PHE B 131 0.84 12.45 18.29
C PHE B 131 1.45 12.14 16.92
N LEU B 132 1.17 10.94 16.40
CA LEU B 132 1.68 10.55 15.08
C LEU B 132 0.64 10.93 14.04
N ASP B 133 0.80 12.11 13.47
CA ASP B 133 -0.13 12.61 12.43
C ASP B 133 -0.21 11.71 11.17
N ALA B 134 0.96 11.25 10.68
CA ALA B 134 0.96 10.45 9.44
C ALA B 134 2.20 9.59 9.38
N ILE B 135 2.09 8.46 8.69
CA ILE B 135 3.22 7.54 8.53
C ILE B 135 3.19 6.89 7.18
N GLY B 136 4.36 6.79 6.57
CA GLY B 136 4.61 6.06 5.31
C GLY B 136 5.91 5.30 5.37
N VAL B 137 6.22 4.48 4.35
CA VAL B 137 7.36 3.55 4.43
C VAL B 137 8.23 3.61 3.18
N TYR B 138 9.52 3.37 3.39
CA TYR B 138 10.44 3.11 2.32
C TYR B 138 10.41 1.58 2.11
N LEU B 139 10.37 1.17 0.82
CA LEU B 139 10.40 -0.25 0.44
C LEU B 139 11.63 -0.68 -0.32
N GLU B 140 12.13 -1.87 -0.01
CA GLU B 140 13.29 -2.45 -0.67
C GLU B 140 13.06 -3.89 -1.04
N PRO B 141 13.79 -4.36 -2.05
CA PRO B 141 13.62 -5.80 -2.33
C PRO B 141 14.21 -6.72 -1.28
N ALA B 142 13.78 -7.99 -1.33
CA ALA B 142 14.34 -9.06 -0.47
C ALA B 142 15.80 -9.32 -0.84
N SER B 143 16.60 -9.67 0.18
CA SER B 143 17.97 -10.21 0.03
C SER B 143 18.12 -11.46 0.86
C1 GOL C . -21.44 -6.42 -11.30
O1 GOL C . -20.50 -5.33 -11.41
C2 GOL C . -22.63 -6.30 -12.25
O2 GOL C . -23.39 -5.11 -11.91
C3 GOL C . -22.18 -6.18 -13.70
O3 GOL C . -21.64 -7.41 -14.21
C1 GOL D . -15.89 -14.18 -7.99
O1 GOL D . -15.00 -13.67 -9.00
C2 GOL D . -15.87 -15.71 -8.03
O2 GOL D . -15.92 -16.26 -9.38
C3 GOL D . -14.59 -16.21 -7.51
O3 GOL D . -14.54 -15.85 -6.13
C1 GOL E . -13.50 -15.55 -18.48
O1 GOL E . -13.81 -15.30 -17.12
C2 GOL E . -12.96 -14.29 -19.09
O2 GOL E . -11.84 -13.95 -18.25
C3 GOL E . -14.09 -13.25 -19.10
O3 GOL E . -14.07 -12.19 -20.10
C1 GOL F . 4.55 2.46 -17.71
O1 GOL F . 4.84 1.08 -17.34
C2 GOL F . 4.58 3.16 -16.45
O2 GOL F . 5.47 4.26 -16.66
C3 GOL F . 3.14 3.43 -15.99
O3 GOL F . 3.06 3.68 -14.60
C1 GOL G . -21.20 1.96 -13.50
O1 GOL G . -20.48 1.40 -14.58
C2 GOL G . -20.30 2.13 -12.24
O2 GOL G . -19.55 0.92 -11.99
C3 GOL G . -19.38 3.33 -12.48
O3 GOL G . -18.54 3.59 -11.40
C1 GOL H . -7.67 11.06 -23.63
O1 GOL H . -7.30 9.69 -23.46
C2 GOL H . -6.56 11.94 -23.04
O2 GOL H . -6.50 11.93 -21.59
C3 GOL H . -6.83 13.38 -23.42
O3 GOL H . -5.62 14.13 -23.29
C1 GOL I . -1.06 16.21 16.67
O1 GOL I . 0.22 15.53 16.57
C2 GOL I . -0.86 17.71 16.79
O2 GOL I . 0.09 17.97 17.79
C3 GOL I . -0.23 18.24 15.53
O3 GOL I . -1.13 18.04 14.49
C1 GOL J . -1.93 9.00 25.57
O1 GOL J . -1.00 10.06 25.27
C2 GOL J . -3.27 9.24 24.91
O2 GOL J . -4.22 8.22 25.33
C3 GOL J . -3.19 9.29 23.39
O3 GOL J . -2.77 8.04 22.82
BR BR K . 15.47 -5.04 7.84
#